data_6W3T
#
_entry.id   6W3T
#
_cell.length_a   41.931
_cell.length_b   137.770
_cell.length_c   49.190
_cell.angle_alpha   90.000
_cell.angle_beta   93.920
_cell.angle_gamma   90.000
#
_symmetry.space_group_name_H-M   'P 1 21 1'
#
loop_
_entity.id
_entity.type
_entity.pdbx_description
1 polymer 'Methyl-accepting chemotaxis protein'
2 non-polymer NORVALINE
3 non-polymer 'SULFATE ION'
4 non-polymer GLYCEROL
5 water water
#
_entity_poly.entity_id   1
_entity_poly.type   'polypeptide(L)'
_entity_poly.pdbx_seq_one_letter_code
;GIDPFTKTSLYESTLKNQTDLLKVTQSTVEDFRSTNQSFTRALEKDIANLPYQSLITEENIINNVGPILKYYRHSINALN
VYLGLNNGKVLLSQKSNDAKMPELRDDLDIKTKDWYQEALKTNDIFVTPAYLDTVLKQYVITYSKAIYKDGKIIGVLGVD
IPSEDLQNLVAKTPGNTFLFDQKNKIFAATNKELLNPSIDHSPVLNAYKLNGDNNFFSYKLNNEERLGACTKVFAYTACI
TESADIINKPIYKA
;
_entity_poly.pdbx_strand_id   A,B
#
loop_
_chem_comp.id
_chem_comp.type
_chem_comp.name
_chem_comp.formula
GOL non-polymer GLYCEROL 'C3 H8 O3'
SO4 non-polymer 'SULFATE ION' 'O4 S -2'
#
# COMPACT_ATOMS: atom_id res chain seq x y z
N ILE A 2 -29.38 -10.47 29.36
CA ILE A 2 -29.27 -11.19 30.61
C ILE A 2 -28.97 -12.67 30.37
N ASP A 3 -29.74 -13.29 29.46
CA ASP A 3 -29.62 -14.72 29.23
C ASP A 3 -28.19 -15.08 28.84
N PRO A 4 -27.52 -15.99 29.58
CA PRO A 4 -26.12 -16.32 29.26
C PRO A 4 -25.90 -16.80 27.85
N PHE A 5 -26.93 -17.32 27.17
CA PHE A 5 -26.75 -17.67 25.77
C PHE A 5 -26.57 -16.42 24.93
N THR A 6 -27.38 -15.39 25.19
CA THR A 6 -27.33 -14.16 24.42
C THR A 6 -26.04 -13.38 24.71
N LYS A 7 -25.64 -13.31 25.98
CA LYS A 7 -24.41 -12.60 26.33
C LYS A 7 -23.21 -13.21 25.63
N THR A 8 -23.10 -14.53 25.66
CA THR A 8 -22.03 -15.22 24.96
C THR A 8 -22.02 -14.88 23.46
N SER A 9 -23.20 -14.78 22.84
CA SER A 9 -23.23 -14.56 21.40
C SER A 9 -22.76 -13.16 21.05
N LEU A 10 -23.09 -12.17 21.88
CA LEU A 10 -22.56 -10.82 21.69
C LEU A 10 -21.06 -10.77 21.97
N TYR A 11 -20.58 -11.55 22.93
CA TYR A 11 -19.15 -11.54 23.25
C TYR A 11 -18.34 -12.13 22.10
N GLU A 12 -18.75 -13.30 21.61
CA GLU A 12 -18.12 -13.89 20.43
C GLU A 12 -18.20 -12.95 19.24
N SER A 13 -19.33 -12.26 19.08
CA SER A 13 -19.49 -11.36 17.93
C SER A 13 -18.53 -10.18 17.99
N THR A 14 -18.45 -9.52 19.14
CA THR A 14 -17.57 -8.37 19.21
C THR A 14 -16.11 -8.79 19.24
N LEU A 15 -15.82 -9.97 19.80
CA LEU A 15 -14.47 -10.51 19.76
C LEU A 15 -14.00 -10.69 18.33
N LYS A 16 -14.86 -11.26 17.48
CA LYS A 16 -14.51 -11.40 16.08
C LYS A 16 -14.30 -10.04 15.42
N ASN A 17 -15.17 -9.08 15.70
N ASN A 17 -15.18 -9.08 15.72
CA ASN A 17 -15.02 -7.79 15.03
CA ASN A 17 -15.10 -7.77 15.09
C ASN A 17 -13.75 -7.07 15.46
C ASN A 17 -13.80 -7.06 15.46
N GLN A 18 -13.51 -6.98 16.76
CA GLN A 18 -12.32 -6.28 17.25
C GLN A 18 -11.03 -6.95 16.78
N THR A 19 -10.98 -8.29 16.87
N THR A 19 -10.97 -8.29 16.80
CA THR A 19 -9.83 -9.04 16.37
CA THR A 19 -9.73 -8.94 16.37
C THR A 19 -9.58 -8.75 14.89
C THR A 19 -9.55 -8.85 14.86
N ASP A 20 -10.64 -8.83 14.08
CA ASP A 20 -10.53 -8.47 12.66
C ASP A 20 -9.89 -7.09 12.48
N LEU A 21 -10.37 -6.10 13.24
CA LEU A 21 -9.86 -4.74 13.07
C LEU A 21 -8.42 -4.59 13.58
N LEU A 22 -8.08 -5.32 14.65
CA LEU A 22 -6.69 -5.35 15.09
C LEU A 22 -5.78 -5.88 13.98
N LYS A 23 -6.22 -6.93 13.28
CA LYS A 23 -5.41 -7.47 12.20
C LYS A 23 -5.24 -6.46 11.06
N VAL A 24 -6.27 -5.66 10.79
CA VAL A 24 -6.14 -4.62 9.76
C VAL A 24 -5.02 -3.64 10.13
N THR A 25 -4.92 -3.26 11.39
CA THR A 25 -3.85 -2.35 11.80
C THR A 25 -2.50 -3.04 11.75
N GLN A 26 -2.43 -4.29 12.18
CA GLN A 26 -1.19 -5.06 12.05
C GLN A 26 -0.74 -5.12 10.60
N SER A 27 -1.65 -5.52 9.69
CA SER A 27 -1.34 -5.58 8.26
C SER A 27 -0.87 -4.25 7.73
N THR A 28 -1.47 -3.16 8.20
CA THR A 28 -1.04 -1.82 7.80
C THR A 28 0.44 -1.61 8.09
N VAL A 29 0.89 -2.00 9.29
CA VAL A 29 2.29 -1.81 9.65
C VAL A 29 3.19 -2.72 8.82
N GLU A 30 2.75 -3.97 8.60
CA GLU A 30 3.55 -4.90 7.80
C GLU A 30 3.69 -4.41 6.37
N ASP A 31 2.57 -3.99 5.76
CA ASP A 31 2.62 -3.53 4.38
C ASP A 31 3.50 -2.29 4.23
N PHE A 32 3.47 -1.39 5.22
CA PHE A 32 4.38 -0.24 5.20
C PHE A 32 5.84 -0.70 5.16
N ARG A 33 6.21 -1.60 6.06
CA ARG A 33 7.60 -2.05 6.09
C ARG A 33 7.96 -2.82 4.84
N SER A 34 7.08 -3.71 4.36
N SER A 34 7.07 -3.72 4.38
CA SER A 34 7.45 -4.52 3.20
CA SER A 34 7.38 -4.53 3.21
C SER A 34 7.53 -3.68 1.94
C SER A 34 7.54 -3.67 1.97
N THR A 35 6.69 -2.65 1.81
CA THR A 35 6.81 -1.78 0.65
C THR A 35 8.16 -1.05 0.67
N ASN A 36 8.60 -0.62 1.84
CA ASN A 36 9.83 0.14 1.93
C ASN A 36 11.04 -0.76 1.73
N GLN A 37 10.98 -1.98 2.27
CA GLN A 37 12.07 -2.93 2.08
C GLN A 37 12.22 -3.30 0.62
N SER A 38 11.11 -3.58 -0.08
N SER A 38 11.12 -3.57 -0.09
CA SER A 38 11.21 -3.93 -1.49
CA SER A 38 11.24 -3.95 -1.50
C SER A 38 11.79 -2.77 -2.30
C SER A 38 11.78 -2.78 -2.32
N PHE A 39 11.36 -1.55 -1.98
CA PHE A 39 11.94 -0.37 -2.60
C PHE A 39 13.45 -0.32 -2.40
N THR A 40 13.90 -0.54 -1.17
CA THR A 40 15.32 -0.45 -0.86
C THR A 40 16.10 -1.54 -1.58
N ARG A 41 15.50 -2.73 -1.70
N ARG A 41 15.50 -2.73 -1.70
CA ARG A 41 16.18 -3.82 -2.39
CA ARG A 41 16.16 -3.84 -2.39
C ARG A 41 16.31 -3.54 -3.88
C ARG A 41 16.30 -3.56 -3.88
N ALA A 42 15.25 -3.02 -4.51
CA ALA A 42 15.33 -2.64 -5.91
C ALA A 42 16.43 -1.60 -6.13
N LEU A 43 16.57 -0.65 -5.21
CA LEU A 43 17.56 0.39 -5.38
C LEU A 43 18.98 -0.15 -5.19
N GLU A 44 19.17 -1.03 -4.20
CA GLU A 44 20.43 -1.72 -4.00
C GLU A 44 20.86 -2.43 -5.28
N LYS A 45 19.92 -3.16 -5.89
CA LYS A 45 20.23 -3.94 -7.08
C LYS A 45 20.61 -3.04 -8.25
N ASP A 46 19.96 -1.89 -8.39
CA ASP A 46 20.28 -0.98 -9.48
C ASP A 46 21.65 -0.34 -9.29
N ILE A 47 22.05 -0.08 -8.05
CA ILE A 47 23.38 0.47 -7.81
C ILE A 47 24.44 -0.61 -8.04
N ALA A 48 24.21 -1.80 -7.49
CA ALA A 48 25.18 -2.88 -7.59
C ALA A 48 25.38 -3.34 -9.03
N ASN A 49 24.35 -3.22 -9.88
CA ASN A 49 24.45 -3.63 -11.27
C ASN A 49 25.21 -2.63 -12.15
N LEU A 50 25.64 -1.48 -11.62
CA LEU A 50 26.45 -0.59 -12.41
C LEU A 50 27.84 -1.20 -12.62
N PRO A 51 28.52 -0.86 -13.72
CA PRO A 51 29.90 -1.33 -13.88
C PRO A 51 30.81 -0.76 -12.80
N TYR A 52 31.86 -1.51 -12.48
CA TYR A 52 32.79 -1.08 -11.46
C TYR A 52 33.34 0.30 -11.75
N GLN A 53 33.61 0.59 -13.03
CA GLN A 53 34.15 1.90 -13.37
C GLN A 53 33.21 3.02 -12.94
N SER A 54 31.88 2.78 -12.99
CA SER A 54 30.93 3.78 -12.53
C SER A 54 30.97 4.00 -11.02
N LEU A 55 31.62 3.10 -10.26
CA LEU A 55 31.53 3.10 -8.80
C LEU A 55 32.80 3.45 -8.07
N ILE A 56 33.96 3.48 -8.74
CA ILE A 56 35.22 3.49 -8.00
C ILE A 56 35.81 4.87 -7.82
N THR A 57 35.32 5.89 -8.51
CA THR A 57 35.68 7.25 -8.13
C THR A 57 34.46 7.97 -7.57
N GLU A 58 34.73 8.92 -6.67
CA GLU A 58 33.66 9.70 -6.07
C GLU A 58 32.87 10.47 -7.12
N GLU A 59 33.58 11.02 -8.11
CA GLU A 59 32.91 11.75 -9.19
C GLU A 59 32.02 10.82 -10.01
N ASN A 60 32.46 9.58 -10.24
CA ASN A 60 31.59 8.63 -10.93
C ASN A 60 30.40 8.23 -10.06
N ILE A 61 30.62 8.03 -8.76
CA ILE A 61 29.50 7.78 -7.85
C ILE A 61 28.48 8.90 -7.95
N ILE A 62 28.96 10.15 -7.88
CA ILE A 62 28.08 11.30 -7.98
C ILE A 62 27.27 11.25 -9.27
N ASN A 63 27.96 11.09 -10.39
CA ASN A 63 27.28 11.24 -11.68
C ASN A 63 26.44 10.03 -12.06
N ASN A 64 26.79 8.85 -11.58
CA ASN A 64 26.06 7.65 -11.98
C ASN A 64 25.13 7.10 -10.91
N VAL A 65 25.48 7.22 -9.63
CA VAL A 65 24.56 6.80 -8.59
C VAL A 65 23.60 7.92 -8.21
N GLY A 66 24.04 9.17 -8.27
CA GLY A 66 23.22 10.34 -7.96
C GLY A 66 21.84 10.32 -8.60
N PRO A 67 21.77 10.23 -9.93
CA PRO A 67 20.43 10.25 -10.58
C PRO A 67 19.54 9.11 -10.11
N ILE A 68 20.11 7.92 -9.90
CA ILE A 68 19.35 6.79 -9.39
C ILE A 68 18.74 7.12 -8.03
N LEU A 69 19.56 7.64 -7.11
CA LEU A 69 19.02 8.02 -5.80
C LEU A 69 17.87 9.02 -5.94
N LYS A 70 18.00 9.97 -6.87
CA LYS A 70 16.98 10.99 -7.04
C LYS A 70 15.69 10.39 -7.61
N TYR A 71 15.81 9.57 -8.65
CA TYR A 71 14.63 8.99 -9.28
C TYR A 71 13.89 8.11 -8.30
N TYR A 72 14.62 7.33 -7.52
CA TYR A 72 13.96 6.51 -6.50
C TYR A 72 13.32 7.39 -5.43
N ARG A 73 14.04 8.41 -4.95
CA ARG A 73 13.47 9.29 -3.93
C ARG A 73 12.14 9.85 -4.41
N HIS A 74 12.11 10.34 -5.64
CA HIS A 74 10.89 10.90 -6.19
C HIS A 74 9.81 9.85 -6.31
N SER A 75 10.16 8.64 -6.75
CA SER A 75 9.14 7.63 -7.07
C SER A 75 8.30 7.23 -5.86
N ILE A 76 8.91 7.24 -4.67
N ILE A 76 8.87 7.25 -4.66
CA ILE A 76 8.25 6.90 -3.42
CA ILE A 76 8.07 6.94 -3.47
C ILE A 76 8.01 8.11 -2.53
C ILE A 76 7.91 8.14 -2.55
N ASN A 77 8.38 9.32 -2.98
CA ASN A 77 8.30 10.52 -2.18
C ASN A 77 9.02 10.31 -0.84
N ALA A 78 10.26 9.85 -0.90
CA ALA A 78 11.04 9.74 0.31
C ALA A 78 11.55 11.12 0.73
N LEU A 79 11.95 11.22 1.99
CA LEU A 79 12.54 12.47 2.46
C LEU A 79 14.00 12.58 2.04
N ASN A 80 14.79 11.54 2.29
CA ASN A 80 16.20 11.45 1.91
C ASN A 80 16.49 10.06 1.38
N VAL A 81 17.36 9.99 0.38
CA VAL A 81 17.93 8.73 -0.09
C VAL A 81 19.42 8.95 -0.33
N TYR A 82 20.25 8.04 0.16
CA TYR A 82 21.67 8.35 0.21
C TYR A 82 22.51 7.08 0.21
N LEU A 83 23.79 7.26 -0.11
CA LEU A 83 24.79 6.20 -0.08
C LEU A 83 25.97 6.69 0.77
N GLY A 84 26.22 6.03 1.90
CA GLY A 84 27.31 6.39 2.76
C GLY A 84 28.55 5.61 2.40
N LEU A 85 29.69 6.30 2.28
CA LEU A 85 30.95 5.71 1.81
C LEU A 85 31.95 5.57 2.96
N ASN A 86 32.90 4.64 2.79
CA ASN A 86 33.84 4.33 3.87
C ASN A 86 34.79 5.49 4.21
N ASN A 87 34.93 6.48 3.34
CA ASN A 87 35.69 7.67 3.72
C ASN A 87 34.87 8.65 4.55
N GLY A 88 33.70 8.23 5.03
CA GLY A 88 32.86 9.08 5.84
C GLY A 88 31.99 10.05 5.07
N LYS A 89 32.12 10.10 3.75
CA LYS A 89 31.28 10.96 2.94
C LYS A 89 30.00 10.22 2.53
N VAL A 90 28.94 10.99 2.29
CA VAL A 90 27.66 10.42 1.88
C VAL A 90 27.15 11.18 0.68
N LEU A 91 26.80 10.44 -0.39
CA LEU A 91 26.08 11.02 -1.52
C LEU A 91 24.60 11.13 -1.15
N LEU A 92 24.06 12.35 -1.11
CA LEU A 92 22.76 12.62 -0.49
C LEU A 92 21.80 13.18 -1.52
N SER A 93 20.65 12.50 -1.71
CA SER A 93 19.53 13.04 -2.46
C SER A 93 18.44 13.41 -1.46
N GLN A 94 18.16 14.71 -1.32
CA GLN A 94 17.30 15.20 -0.27
C GLN A 94 16.16 16.05 -0.85
N LYS A 95 14.99 15.94 -0.22
CA LYS A 95 13.87 16.81 -0.56
C LYS A 95 14.28 18.27 -0.51
N SER A 96 13.89 19.02 -1.54
CA SER A 96 14.11 20.48 -1.64
C SER A 96 15.49 20.95 -1.13
N MET A 101 21.98 16.75 -9.11
CA MET A 101 21.95 17.61 -7.92
C MET A 101 22.18 16.91 -6.56
N PRO A 102 22.13 15.58 -6.47
CA PRO A 102 22.67 14.94 -5.25
C PRO A 102 24.11 15.38 -5.06
N GLU A 103 24.47 15.70 -3.81
CA GLU A 103 25.78 16.22 -3.46
C GLU A 103 26.51 15.25 -2.55
N LEU A 104 27.83 15.27 -2.64
CA LEU A 104 28.69 14.49 -1.78
C LEU A 104 29.01 15.31 -0.54
N ARG A 105 28.56 14.85 0.63
CA ARG A 105 28.66 15.59 1.88
C ARG A 105 29.68 14.93 2.79
N ASP A 106 30.56 15.73 3.40
CA ASP A 106 31.60 15.21 4.28
C ASP A 106 31.41 15.63 5.74
N ASP A 107 30.22 16.12 6.09
CA ASP A 107 30.01 16.77 7.38
C ASP A 107 28.88 16.16 8.18
N LEU A 108 28.53 14.88 7.94
CA LEU A 108 27.37 14.28 8.60
C LEU A 108 27.72 13.12 9.51
N ASP A 109 29.01 12.87 9.78
CA ASP A 109 29.44 11.90 10.81
C ASP A 109 28.79 10.53 10.65
N ILE A 110 28.65 10.07 9.40
CA ILE A 110 27.77 8.93 9.14
C ILE A 110 28.24 7.68 9.87
N LYS A 111 29.55 7.58 10.16
CA LYS A 111 30.06 6.39 10.81
C LYS A 111 29.66 6.29 12.27
N THR A 112 29.07 7.34 12.83
CA THR A 112 28.49 7.30 14.16
C THR A 112 27.01 6.93 14.16
N LYS A 113 26.39 6.84 12.99
CA LYS A 113 24.96 6.62 12.90
C LYS A 113 24.64 5.14 12.95
N ASP A 114 23.62 4.79 13.72
CA ASP A 114 23.21 3.39 13.82
C ASP A 114 22.78 2.84 12.46
N TRP A 115 22.12 3.66 11.62
CA TRP A 115 21.73 3.14 10.30
C TRP A 115 22.96 2.74 9.49
N TYR A 116 24.09 3.42 9.69
CA TYR A 116 25.31 3.02 9.01
C TYR A 116 25.89 1.76 9.64
N GLN A 117 26.16 1.81 10.95
CA GLN A 117 26.92 0.72 11.57
C GLN A 117 26.10 -0.56 11.66
N GLU A 118 24.78 -0.46 11.83
CA GLU A 118 23.97 -1.67 11.90
C GLU A 118 23.88 -2.34 10.53
N ALA A 119 23.91 -1.57 9.44
CA ALA A 119 23.88 -2.17 8.11
C ALA A 119 25.10 -3.03 7.85
N LEU A 120 26.23 -2.70 8.46
CA LEU A 120 27.45 -3.45 8.27
C LEU A 120 27.47 -4.77 9.02
N LYS A 121 26.59 -4.94 10.00
CA LYS A 121 26.60 -6.15 10.83
C LYS A 121 25.53 -7.15 10.42
N THR A 122 24.72 -6.85 9.40
CA THR A 122 23.71 -7.78 8.92
C THR A 122 23.72 -7.81 7.40
N ASN A 123 23.32 -8.94 6.84
CA ASN A 123 23.14 -9.04 5.41
C ASN A 123 21.74 -8.64 4.95
N ASP A 124 20.87 -8.29 5.90
CA ASP A 124 19.51 -7.85 5.62
C ASP A 124 19.43 -6.32 5.63
N ILE A 125 18.27 -5.81 5.22
CA ILE A 125 17.94 -4.42 5.44
C ILE A 125 17.79 -4.16 6.93
N PHE A 126 18.38 -3.09 7.42
CA PHE A 126 18.18 -2.66 8.79
C PHE A 126 17.14 -1.56 8.82
N VAL A 127 16.25 -1.62 9.81
CA VAL A 127 15.18 -0.65 10.00
C VAL A 127 15.36 0.02 11.36
N THR A 128 15.49 1.34 11.37
CA THR A 128 15.63 2.04 12.63
C THR A 128 14.27 2.30 13.28
N PRO A 129 14.26 2.63 14.56
CA PRO A 129 13.08 3.29 15.13
C PRO A 129 12.94 4.69 14.54
N ALA A 130 11.87 5.39 14.89
CA ALA A 130 11.75 6.79 14.47
C ALA A 130 12.80 7.62 15.20
N TYR A 131 13.37 8.60 14.51
CA TYR A 131 14.37 9.48 15.10
C TYR A 131 14.42 10.75 14.28
N LEU A 132 15.03 11.78 14.84
CA LEU A 132 15.06 13.09 14.18
C LEU A 132 16.17 13.09 13.13
N ASP A 133 15.78 13.21 11.86
CA ASP A 133 16.75 13.30 10.77
C ASP A 133 17.64 14.54 10.91
N THR A 134 18.95 14.35 10.73
CA THR A 134 19.88 15.49 10.78
C THR A 134 19.71 16.43 9.60
N VAL A 135 19.35 15.89 8.43
CA VAL A 135 19.38 16.71 7.21
C VAL A 135 18.19 17.66 7.16
N LEU A 136 16.98 17.17 7.33
CA LEU A 136 15.80 18.02 7.20
C LEU A 136 15.01 18.19 8.48
N LYS A 137 15.49 17.66 9.61
CA LYS A 137 14.88 17.89 10.92
C LYS A 137 13.42 17.47 10.93
N GLN A 138 13.15 16.29 10.39
CA GLN A 138 11.85 15.65 10.51
C GLN A 138 12.06 14.24 11.07
N TYR A 139 11.06 13.73 11.77
CA TYR A 139 11.16 12.37 12.30
C TYR A 139 11.01 11.38 11.15
N VAL A 140 11.89 10.38 11.12
CA VAL A 140 11.94 9.44 10.01
C VAL A 140 12.16 8.03 10.53
N ILE A 141 11.76 7.07 9.71
CA ILE A 141 12.18 5.69 9.83
C ILE A 141 13.18 5.44 8.69
N THR A 142 14.35 4.92 9.02
CA THR A 142 15.39 4.71 8.03
C THR A 142 15.52 3.23 7.72
N TYR A 143 15.57 2.92 6.44
CA TYR A 143 15.88 1.59 5.94
C TYR A 143 17.26 1.65 5.32
N SER A 144 18.17 0.80 5.79
CA SER A 144 19.56 0.86 5.34
C SER A 144 20.02 -0.52 4.93
N LYS A 145 21.04 -0.54 4.07
CA LYS A 145 21.47 -1.79 3.43
C LYS A 145 22.89 -1.64 2.93
N ALA A 146 23.78 -2.53 3.37
CA ALA A 146 25.14 -2.54 2.87
C ALA A 146 25.12 -3.10 1.44
N ILE A 147 25.71 -2.35 0.51
N ILE A 147 25.62 -2.30 0.50
CA ILE A 147 25.64 -2.65 -0.92
CA ILE A 147 25.62 -2.67 -0.92
C ILE A 147 26.96 -3.28 -1.34
C ILE A 147 26.96 -3.33 -1.23
N TYR A 148 26.91 -4.50 -1.85
CA TYR A 148 28.09 -5.24 -2.28
C TYR A 148 28.03 -5.49 -3.78
N LYS A 149 29.17 -5.40 -4.45
CA LYS A 149 29.32 -5.81 -5.83
C LYS A 149 30.51 -6.74 -5.92
N ASP A 150 30.27 -8.00 -6.30
CA ASP A 150 31.31 -9.02 -6.35
C ASP A 150 32.01 -9.15 -5.00
N GLY A 151 31.25 -9.04 -3.91
CA GLY A 151 31.80 -9.20 -2.58
C GLY A 151 32.51 -8.00 -2.01
N LYS A 152 32.68 -6.93 -2.78
CA LYS A 152 33.32 -5.72 -2.27
C LYS A 152 32.22 -4.74 -1.90
N ILE A 153 32.34 -4.16 -0.71
N ILE A 153 32.35 -4.12 -0.74
CA ILE A 153 31.36 -3.19 -0.24
CA ILE A 153 31.32 -3.22 -0.24
C ILE A 153 31.47 -1.91 -1.07
C ILE A 153 31.43 -1.86 -0.93
N ILE A 154 30.35 -1.43 -1.56
CA ILE A 154 30.36 -0.13 -2.22
C ILE A 154 30.06 0.98 -1.22
N GLY A 155 29.12 0.75 -0.32
CA GLY A 155 28.74 1.71 0.68
C GLY A 155 27.45 1.26 1.35
N VAL A 156 26.89 2.12 2.19
CA VAL A 156 25.66 1.81 2.90
C VAL A 156 24.55 2.69 2.33
N LEU A 157 23.55 2.04 1.74
CA LEU A 157 22.38 2.74 1.23
C LEU A 157 21.48 3.10 2.40
N GLY A 158 20.88 4.28 2.34
CA GLY A 158 19.90 4.68 3.34
C GLY A 158 18.69 5.31 2.71
N VAL A 159 17.51 4.98 3.24
CA VAL A 159 16.25 5.54 2.78
C VAL A 159 15.44 6.03 3.98
N ASP A 160 15.11 7.33 4.01
CA ASP A 160 14.38 7.92 5.13
C ASP A 160 12.93 8.13 4.72
N ILE A 161 12.01 7.49 5.42
CA ILE A 161 10.57 7.70 5.23
C ILE A 161 10.05 8.45 6.44
N PRO A 162 9.30 9.54 6.27
CA PRO A 162 8.72 10.24 7.44
C PRO A 162 7.89 9.28 8.28
N SER A 163 8.22 9.21 9.57
CA SER A 163 7.44 8.40 10.49
C SER A 163 5.99 8.84 10.53
N GLU A 164 5.71 10.11 10.17
CA GLU A 164 4.34 10.56 10.07
C GLU A 164 3.54 9.78 9.03
N ASP A 165 4.21 9.27 7.99
CA ASP A 165 3.49 8.45 7.01
C ASP A 165 2.86 7.23 7.66
N LEU A 166 3.63 6.52 8.48
CA LEU A 166 3.09 5.35 9.18
C LEU A 166 2.01 5.78 10.18
N GLN A 167 2.20 6.90 10.85
CA GLN A 167 1.21 7.36 11.82
C GLN A 167 -0.12 7.65 11.14
N ASN A 168 -0.08 8.35 10.00
CA ASN A 168 -1.30 8.61 9.26
C ASN A 168 -1.93 7.32 8.73
N LEU A 169 -1.13 6.40 8.21
CA LEU A 169 -1.68 5.12 7.78
C LEU A 169 -2.43 4.43 8.92
N VAL A 170 -1.81 4.36 10.10
CA VAL A 170 -2.47 3.68 11.22
C VAL A 170 -3.72 4.43 11.65
N ALA A 171 -3.63 5.76 11.70
CA ALA A 171 -4.77 6.57 12.14
C ALA A 171 -5.98 6.36 11.26
N LYS A 172 -5.78 6.15 9.97
CA LYS A 172 -6.90 6.00 9.05
C LYS A 172 -7.58 4.64 9.13
N THR A 173 -7.02 3.67 9.87
CA THR A 173 -7.65 2.36 9.94
C THR A 173 -8.96 2.43 10.72
N PRO A 174 -9.90 1.53 10.44
CA PRO A 174 -11.12 1.47 11.25
C PRO A 174 -10.82 0.96 12.65
N GLY A 175 -11.75 1.22 13.56
CA GLY A 175 -11.64 0.72 14.91
C GLY A 175 -10.77 1.60 15.78
N ASN A 176 -10.97 1.45 17.10
CA ASN A 176 -10.20 2.19 18.08
C ASN A 176 -8.80 1.57 18.24
N THR A 177 -8.04 1.61 17.15
CA THR A 177 -6.74 0.98 17.15
C THR A 177 -5.64 2.01 17.42
N PHE A 178 -4.56 1.54 18.02
CA PHE A 178 -3.43 2.40 18.30
C PHE A 178 -2.19 1.53 18.38
N LEU A 179 -1.03 2.20 18.36
CA LEU A 179 0.26 1.54 18.20
C LEU A 179 1.26 2.11 19.20
N PHE A 180 1.90 1.23 19.97
CA PHE A 180 3.00 1.60 20.85
C PHE A 180 4.34 1.32 20.18
N ASP A 181 5.35 2.15 20.48
CA ASP A 181 6.68 1.91 19.90
C ASP A 181 7.51 0.98 20.81
N GLN A 182 8.80 0.83 20.48
CA GLN A 182 9.71 -0.03 21.22
C GLN A 182 9.73 0.28 22.70
N LYS A 183 9.60 1.55 23.06
CA LYS A 183 9.67 1.98 24.45
C LYS A 183 8.30 2.04 25.10
N ASN A 184 7.31 1.35 24.52
CA ASN A 184 5.92 1.36 24.98
C ASN A 184 5.37 2.78 25.09
N LYS A 185 5.90 3.68 24.28
CA LYS A 185 5.35 5.03 24.14
C LYS A 185 4.33 5.05 23.01
N ILE A 186 3.22 5.74 23.22
CA ILE A 186 2.18 5.79 22.20
C ILE A 186 2.78 6.40 20.94
N PHE A 187 2.53 5.76 19.80
CA PHE A 187 3.12 6.13 18.52
C PHE A 187 2.08 6.61 17.52
N ALA A 188 0.91 5.97 17.47
CA ALA A 188 -0.11 6.29 16.49
C ALA A 188 -1.45 5.85 17.03
N ALA A 189 -2.51 6.50 16.55
CA ALA A 189 -3.85 6.16 17.04
C ALA A 189 -4.92 6.72 16.10
N THR A 190 -5.97 5.93 15.88
CA THR A 190 -7.13 6.46 15.18
C THR A 190 -7.76 7.62 15.97
N ASN A 191 -7.88 7.48 17.29
CA ASN A 191 -8.40 8.56 18.14
C ASN A 191 -7.24 9.43 18.59
N LYS A 192 -7.13 10.63 18.04
CA LYS A 192 -5.98 11.50 18.29
C LYS A 192 -5.77 11.79 19.77
N GLU A 193 -6.86 11.80 20.56
CA GLU A 193 -6.73 12.11 21.99
C GLU A 193 -5.85 11.09 22.72
N LEU A 194 -5.73 9.87 22.21
CA LEU A 194 -4.84 8.91 22.85
C LEU A 194 -3.39 9.36 22.81
N LEU A 195 -3.06 10.34 21.96
CA LEU A 195 -1.69 10.82 21.86
C LEU A 195 -1.32 11.76 23.00
N ASN A 196 -2.24 12.05 23.91
CA ASN A 196 -1.91 12.85 25.08
C ASN A 196 -0.80 12.16 25.85
N PRO A 197 0.37 12.81 26.03
CA PRO A 197 1.49 12.10 26.67
C PRO A 197 1.27 11.81 28.15
N SER A 198 0.32 12.45 28.80
CA SER A 198 0.09 12.19 30.21
C SER A 198 -0.86 11.03 30.48
N ILE A 199 -1.44 10.42 29.44
CA ILE A 199 -2.35 9.30 29.64
C ILE A 199 -1.59 8.11 30.21
N ASP A 200 -2.21 7.42 31.15
CA ASP A 200 -1.65 6.19 31.70
C ASP A 200 -2.16 5.01 30.87
N HIS A 201 -1.24 4.31 30.21
CA HIS A 201 -1.60 3.15 29.39
C HIS A 201 -1.36 1.83 30.10
N SER A 202 -0.90 1.86 31.36
CA SER A 202 -0.67 0.63 32.11
C SER A 202 -1.86 -0.34 32.13
N PRO A 203 -3.11 0.09 32.30
CA PRO A 203 -4.20 -0.90 32.33
C PRO A 203 -4.21 -1.79 31.10
N VAL A 204 -4.18 -1.20 29.90
N VAL A 204 -4.13 -1.21 29.90
CA VAL A 204 -4.19 -1.99 28.68
CA VAL A 204 -4.22 -2.03 28.70
C VAL A 204 -2.91 -2.82 28.56
C VAL A 204 -2.91 -2.78 28.45
N LEU A 205 -1.76 -2.19 28.80
CA LEU A 205 -0.50 -2.91 28.63
C LEU A 205 -0.38 -4.06 29.63
N ASN A 206 -0.83 -3.85 30.86
CA ASN A 206 -0.83 -4.94 31.84
C ASN A 206 -1.75 -6.06 31.39
N ALA A 207 -2.95 -5.71 30.90
CA ALA A 207 -3.85 -6.74 30.40
C ALA A 207 -3.23 -7.51 29.25
N TYR A 208 -2.54 -6.82 28.35
CA TYR A 208 -1.85 -7.50 27.27
C TYR A 208 -0.79 -8.45 27.82
N LYS A 209 0.02 -7.97 28.77
CA LYS A 209 1.11 -8.79 29.32
C LYS A 209 0.59 -10.07 29.94
N LEU A 210 -0.60 -10.05 30.55
CA LEU A 210 -1.16 -11.26 31.14
C LEU A 210 -1.76 -12.20 30.10
N ASN A 211 -2.23 -11.67 28.97
CA ASN A 211 -3.04 -12.48 28.06
C ASN A 211 -2.32 -12.92 26.80
N GLY A 212 -1.35 -12.17 26.29
CA GLY A 212 -0.61 -12.56 25.11
C GLY A 212 -1.20 -12.02 23.82
N ASP A 213 -0.42 -12.17 22.75
CA ASP A 213 -0.81 -11.67 21.43
C ASP A 213 -2.19 -12.16 21.03
N ASN A 214 -3.01 -11.23 20.54
CA ASN A 214 -4.28 -11.51 19.88
C ASN A 214 -5.32 -12.13 20.80
N ASN A 215 -5.07 -12.16 22.11
CA ASN A 215 -6.00 -12.76 23.06
C ASN A 215 -6.86 -11.66 23.69
N PHE A 216 -8.15 -11.72 23.39
CA PHE A 216 -9.13 -10.76 23.89
C PHE A 216 -9.16 -10.77 25.41
N PHE A 217 -9.30 -9.59 26.01
CA PHE A 217 -9.34 -9.50 27.46
C PHE A 217 -10.32 -8.41 27.89
N SER A 218 -10.63 -8.38 29.19
CA SER A 218 -11.35 -7.27 29.78
C SER A 218 -10.49 -6.58 30.82
N TYR A 219 -10.77 -5.29 31.05
CA TYR A 219 -10.04 -4.47 32.01
C TYR A 219 -10.96 -3.32 32.39
N LYS A 220 -10.52 -2.52 33.37
CA LYS A 220 -11.35 -1.48 33.96
C LYS A 220 -10.87 -0.08 33.59
N LEU A 221 -11.83 0.83 33.43
CA LEU A 221 -11.55 2.25 33.26
C LEU A 221 -12.65 3.03 33.94
N ASN A 222 -12.29 3.81 34.98
CA ASN A 222 -13.26 4.56 35.77
C ASN A 222 -14.40 3.66 36.27
N ASN A 223 -14.02 2.48 36.76
CA ASN A 223 -14.95 1.48 37.30
C ASN A 223 -15.94 0.98 36.24
N GLU A 224 -15.56 1.05 34.96
CA GLU A 224 -16.38 0.54 33.87
C GLU A 224 -15.57 -0.48 33.06
N GLU A 225 -16.25 -1.50 32.57
CA GLU A 225 -15.57 -2.62 31.91
C GLU A 225 -15.32 -2.29 30.45
N ARG A 226 -14.14 -2.64 29.98
CA ARG A 226 -13.76 -2.48 28.58
C ARG A 226 -13.19 -3.80 28.09
N LEU A 227 -13.15 -3.94 26.77
CA LEU A 227 -12.64 -5.14 26.13
C LEU A 227 -11.53 -4.74 25.17
N GLY A 228 -10.54 -5.61 25.04
CA GLY A 228 -9.48 -5.26 24.11
C GLY A 228 -8.57 -6.43 23.84
N ALA A 229 -7.62 -6.19 22.94
CA ALA A 229 -6.59 -7.16 22.60
C ALA A 229 -5.44 -6.39 21.97
N CYS A 230 -4.24 -6.94 22.12
CA CYS A 230 -3.04 -6.39 21.51
C CYS A 230 -2.25 -7.51 20.87
N THR A 231 -1.35 -7.13 19.98
CA THR A 231 -0.42 -8.08 19.38
C THR A 231 0.87 -7.36 19.04
N LYS A 232 1.98 -8.07 19.16
CA LYS A 232 3.26 -7.54 18.73
C LYS A 232 3.29 -7.43 17.21
N VAL A 233 3.82 -6.32 16.70
CA VAL A 233 4.06 -6.12 15.27
C VAL A 233 5.46 -5.56 15.14
N PHE A 234 6.40 -6.38 14.65
CA PHE A 234 7.83 -6.05 14.71
C PHE A 234 8.14 -5.67 16.17
N ALA A 235 8.72 -4.51 16.44
CA ALA A 235 8.92 -4.06 17.79
C ALA A 235 7.79 -3.16 18.28
N TYR A 236 6.77 -2.93 17.46
CA TYR A 236 5.62 -2.19 17.95
C TYR A 236 4.68 -3.10 18.71
N THR A 237 3.69 -2.48 19.35
CA THR A 237 2.56 -3.19 19.95
C THR A 237 1.28 -2.55 19.45
N ALA A 238 0.47 -3.32 18.74
CA ALA A 238 -0.81 -2.82 18.23
C ALA A 238 -1.91 -3.26 19.20
N CYS A 239 -2.79 -2.33 19.55
CA CYS A 239 -3.91 -2.65 20.42
C CYS A 239 -5.23 -2.17 19.82
N ILE A 240 -6.32 -2.74 20.31
CA ILE A 240 -7.66 -2.23 20.07
C ILE A 240 -8.40 -2.30 21.40
N THR A 241 -9.28 -1.33 21.65
CA THR A 241 -10.16 -1.41 22.83
C THR A 241 -11.52 -0.83 22.50
N GLU A 242 -12.53 -1.34 23.22
CA GLU A 242 -13.91 -0.86 23.13
C GLU A 242 -14.54 -0.95 24.50
N SER A 243 -15.64 -0.23 24.67
CA SER A 243 -16.48 -0.44 25.84
C SER A 243 -17.10 -1.82 25.82
N ALA A 244 -17.29 -2.40 27.00
CA ALA A 244 -17.96 -3.68 27.14
C ALA A 244 -19.49 -3.58 27.13
N ASP A 245 -20.06 -2.43 26.76
CA ASP A 245 -21.51 -2.29 26.79
C ASP A 245 -22.18 -3.25 25.81
N ILE A 246 -21.53 -3.56 24.69
CA ILE A 246 -22.16 -4.43 23.69
C ILE A 246 -22.57 -5.76 24.32
N ILE A 247 -21.79 -6.25 25.28
CA ILE A 247 -22.18 -7.48 25.98
C ILE A 247 -23.02 -7.21 27.22
N ASN A 248 -22.90 -6.03 27.83
CA ASN A 248 -23.57 -5.76 29.09
C ASN A 248 -24.91 -5.04 28.92
N LYS A 249 -25.09 -4.31 27.83
CA LYS A 249 -26.37 -3.67 27.54
C LYS A 249 -26.96 -4.22 26.24
N GLY B 1 -43.30 -10.45 6.94
CA GLY B 1 -43.18 -9.38 7.91
C GLY B 1 -41.73 -8.97 8.14
N ILE B 2 -41.46 -8.37 9.30
CA ILE B 2 -40.11 -7.99 9.69
C ILE B 2 -39.46 -9.14 10.43
N ASP B 3 -38.29 -9.58 9.94
CA ASP B 3 -37.45 -10.54 10.65
C ASP B 3 -37.15 -10.03 12.05
N PRO B 4 -37.67 -10.68 13.09
CA PRO B 4 -37.39 -10.21 14.46
C PRO B 4 -35.89 -10.07 14.74
N PHE B 5 -35.05 -10.89 14.11
CA PHE B 5 -33.63 -10.84 14.39
C PHE B 5 -33.03 -9.49 14.01
N THR B 6 -33.59 -8.83 12.99
CA THR B 6 -33.03 -7.57 12.53
C THR B 6 -33.20 -6.45 13.54
N LYS B 7 -33.89 -6.69 14.65
CA LYS B 7 -34.06 -5.70 15.69
C LYS B 7 -33.12 -5.92 16.87
N THR B 8 -32.25 -6.90 16.80
CA THR B 8 -31.38 -7.22 17.94
C THR B 8 -30.08 -6.43 17.85
N SER B 9 -29.45 -6.26 19.02
CA SER B 9 -28.12 -5.67 19.04
C SER B 9 -27.10 -6.59 18.38
N LEU B 10 -27.35 -7.92 18.39
CA LEU B 10 -26.43 -8.84 17.74
C LEU B 10 -26.40 -8.62 16.24
N TYR B 11 -27.59 -8.43 15.63
CA TYR B 11 -27.64 -8.14 14.21
C TYR B 11 -26.96 -6.81 13.89
N GLU B 12 -27.20 -5.80 14.73
CA GLU B 12 -26.52 -4.52 14.55
C GLU B 12 -25.01 -4.68 14.61
N SER B 13 -24.51 -5.47 15.57
N SER B 13 -24.52 -5.45 15.58
CA SER B 13 -23.07 -5.63 15.68
CA SER B 13 -23.09 -5.68 15.70
C SER B 13 -22.49 -6.39 14.49
C SER B 13 -22.53 -6.34 14.46
N THR B 14 -23.29 -7.28 13.88
CA THR B 14 -22.84 -7.98 12.68
C THR B 14 -22.77 -7.04 11.49
N LEU B 15 -23.83 -6.27 11.26
CA LEU B 15 -23.82 -5.29 10.19
C LEU B 15 -22.69 -4.28 10.34
N LYS B 16 -22.44 -3.84 11.57
CA LYS B 16 -21.29 -2.96 11.82
C LYS B 16 -19.98 -3.61 11.38
N ASN B 17 -19.79 -4.90 11.72
CA ASN B 17 -18.56 -5.59 11.35
C ASN B 17 -18.43 -5.71 9.84
N GLN B 18 -19.52 -6.09 9.15
CA GLN B 18 -19.47 -6.25 7.70
C GLN B 18 -19.26 -4.90 7.02
N THR B 19 -19.83 -3.84 7.57
CA THR B 19 -19.54 -2.50 7.07
C THR B 19 -18.07 -2.16 7.21
N ASP B 20 -17.48 -2.48 8.37
CA ASP B 20 -16.06 -2.23 8.57
C ASP B 20 -15.23 -2.95 7.52
N LEU B 21 -15.54 -4.22 7.26
CA LEU B 21 -14.73 -5.00 6.34
C LEU B 21 -14.92 -4.56 4.90
N LEU B 22 -16.15 -4.16 4.53
CA LEU B 22 -16.35 -3.60 3.20
C LEU B 22 -15.53 -2.33 3.01
N LYS B 23 -15.52 -1.45 4.01
CA LYS B 23 -14.75 -0.23 3.95
C LYS B 23 -13.24 -0.50 3.80
N VAL B 24 -12.75 -1.58 4.42
CA VAL B 24 -11.33 -1.94 4.25
C VAL B 24 -11.03 -2.29 2.80
N THR B 25 -11.94 -3.05 2.15
CA THR B 25 -11.70 -3.41 0.76
C THR B 25 -11.80 -2.19 -0.15
N GLN B 26 -12.73 -1.29 0.17
CA GLN B 26 -12.79 -0.02 -0.56
C GLN B 26 -11.50 0.76 -0.38
N SER B 27 -10.98 0.82 0.84
CA SER B 27 -9.75 1.55 1.10
C SER B 27 -8.59 0.96 0.33
N THR B 28 -8.56 -0.37 0.21
CA THR B 28 -7.49 -1.06 -0.51
C THR B 28 -7.45 -0.64 -1.98
N VAL B 29 -8.62 -0.53 -2.61
CA VAL B 29 -8.67 -0.12 -4.01
C VAL B 29 -8.26 1.34 -4.14
N GLU B 30 -8.80 2.21 -3.27
CA GLU B 30 -8.45 3.63 -3.31
C GLU B 30 -6.95 3.84 -3.10
N ASP B 31 -6.34 3.09 -2.19
CA ASP B 31 -4.91 3.30 -1.92
C ASP B 31 -4.06 2.78 -3.07
N PHE B 32 -4.51 1.72 -3.72
CA PHE B 32 -3.82 1.22 -4.91
C PHE B 32 -3.80 2.29 -5.99
N ARG B 33 -4.94 2.89 -6.31
CA ARG B 33 -4.95 3.90 -7.38
C ARG B 33 -4.13 5.13 -7.00
N SER B 34 -4.26 5.59 -5.76
N SER B 34 -4.25 5.59 -5.76
N SER B 34 -4.26 5.59 -5.76
CA SER B 34 -3.56 6.81 -5.33
CA SER B 34 -3.56 6.81 -5.36
CA SER B 34 -3.55 6.81 -5.34
C SER B 34 -2.05 6.62 -5.39
C SER B 34 -2.04 6.63 -5.38
C SER B 34 -2.04 6.62 -5.39
N THR B 35 -1.56 5.46 -4.96
CA THR B 35 -0.13 5.19 -5.03
C THR B 35 0.35 5.18 -6.48
N ASN B 36 -0.41 4.53 -7.37
CA ASN B 36 0.00 4.44 -8.76
C ASN B 36 -0.09 5.79 -9.46
N GLN B 37 -1.07 6.61 -9.06
CA GLN B 37 -1.18 7.95 -9.65
C GLN B 37 -0.03 8.86 -9.21
N SER B 38 0.35 8.80 -7.94
N SER B 38 0.36 8.80 -7.94
CA SER B 38 1.45 9.63 -7.48
CA SER B 38 1.46 9.64 -7.48
C SER B 38 2.77 9.20 -8.11
C SER B 38 2.79 9.19 -8.07
N PHE B 39 2.96 7.88 -8.28
CA PHE B 39 4.13 7.37 -8.98
C PHE B 39 4.21 7.93 -10.40
N THR B 40 3.12 7.86 -11.13
CA THR B 40 3.11 8.32 -12.51
C THR B 40 3.32 9.84 -12.60
N ARG B 41 2.75 10.61 -11.66
CA ARG B 41 3.02 12.05 -11.64
C ARG B 41 4.49 12.32 -11.37
N ALA B 42 5.09 11.58 -10.44
CA ALA B 42 6.49 11.80 -10.15
C ALA B 42 7.34 11.46 -11.35
N LEU B 43 7.00 10.37 -12.05
CA LEU B 43 7.73 10.02 -13.27
C LEU B 43 7.62 11.12 -14.30
N GLU B 44 6.42 11.69 -14.45
CA GLU B 44 6.20 12.71 -15.46
C GLU B 44 7.04 13.95 -15.20
N LYS B 45 7.18 14.35 -13.93
CA LYS B 45 7.95 15.56 -13.63
C LYS B 45 9.44 15.34 -13.85
N ASP B 46 9.94 14.14 -13.54
CA ASP B 46 11.35 13.87 -13.77
C ASP B 46 11.67 13.84 -15.26
N ILE B 47 10.76 13.32 -16.07
CA ILE B 47 10.96 13.33 -17.52
C ILE B 47 10.91 14.76 -18.05
N ALA B 48 9.87 15.51 -17.64
CA ALA B 48 9.70 16.89 -18.09
C ALA B 48 10.76 17.83 -17.52
N ASN B 49 11.47 17.42 -16.46
CA ASN B 49 12.57 18.17 -15.90
C ASN B 49 13.85 18.04 -16.72
N LEU B 50 13.92 17.07 -17.64
CA LEU B 50 15.05 17.03 -18.55
C LEU B 50 15.04 18.28 -19.43
N PRO B 51 16.20 18.73 -19.88
CA PRO B 51 16.23 19.91 -20.75
C PRO B 51 15.52 19.63 -22.06
N TYR B 52 14.94 20.70 -22.63
CA TYR B 52 14.19 20.59 -23.88
C TYR B 52 14.98 19.83 -24.95
N GLN B 53 16.27 20.12 -25.08
CA GLN B 53 17.05 19.50 -26.14
C GLN B 53 17.17 17.99 -25.94
N SER B 54 17.09 17.52 -24.69
CA SER B 54 17.19 16.09 -24.46
C SER B 54 15.92 15.34 -24.84
N LEU B 55 14.84 16.07 -25.17
CA LEU B 55 13.54 15.45 -25.39
C LEU B 55 13.06 15.52 -26.84
N ILE B 56 13.87 16.01 -27.78
CA ILE B 56 13.34 16.29 -29.11
C ILE B 56 14.08 15.56 -30.22
N THR B 57 14.96 14.63 -29.90
CA THR B 57 15.44 13.67 -30.90
C THR B 57 15.29 12.26 -30.34
N GLU B 58 15.09 11.30 -31.25
CA GLU B 58 14.96 9.91 -30.84
C GLU B 58 16.18 9.45 -30.06
N GLU B 59 17.37 9.80 -30.55
CA GLU B 59 18.58 9.40 -29.82
C GLU B 59 18.62 10.02 -28.43
N ASN B 60 18.28 11.32 -28.33
CA ASN B 60 18.32 11.95 -27.02
C ASN B 60 17.28 11.32 -26.09
N ILE B 61 16.09 11.03 -26.62
CA ILE B 61 15.04 10.41 -25.81
C ILE B 61 15.48 9.04 -25.31
N ILE B 62 16.07 8.23 -26.20
CA ILE B 62 16.58 6.93 -25.81
C ILE B 62 17.58 7.06 -24.65
N ASN B 63 18.56 7.96 -24.80
CA ASN B 63 19.65 8.05 -23.83
C ASN B 63 19.23 8.71 -22.52
N ASN B 64 18.32 9.67 -22.57
CA ASN B 64 18.00 10.43 -21.36
C ASN B 64 16.70 9.98 -20.70
N VAL B 65 15.66 9.65 -21.47
CA VAL B 65 14.42 9.18 -20.85
C VAL B 65 14.54 7.72 -20.44
N GLY B 66 15.21 6.91 -21.26
CA GLY B 66 15.34 5.48 -21.05
C GLY B 66 15.71 5.10 -19.63
N PRO B 67 16.80 5.66 -19.10
CA PRO B 67 17.18 5.32 -17.73
C PRO B 67 16.12 5.68 -16.70
N ILE B 68 15.43 6.80 -16.90
CA ILE B 68 14.41 7.17 -15.92
C ILE B 68 13.31 6.13 -15.91
N LEU B 69 12.86 5.70 -17.10
CA LEU B 69 11.81 4.70 -17.20
C LEU B 69 12.20 3.42 -16.47
N LYS B 70 13.46 3.00 -16.64
CA LYS B 70 13.92 1.76 -16.07
C LYS B 70 13.99 1.83 -14.55
N TYR B 71 14.61 2.89 -14.01
CA TYR B 71 14.73 3.02 -12.56
C TYR B 71 13.36 3.18 -11.91
N TYR B 72 12.47 3.95 -12.53
CA TYR B 72 11.12 4.02 -12.00
C TYR B 72 10.44 2.65 -12.05
N ARG B 73 10.58 1.93 -13.16
CA ARG B 73 9.91 0.63 -13.26
C ARG B 73 10.36 -0.30 -12.15
N HIS B 74 11.67 -0.33 -11.87
CA HIS B 74 12.22 -1.17 -10.81
C HIS B 74 11.73 -0.75 -9.44
N SER B 75 11.62 0.55 -9.19
CA SER B 75 11.29 0.99 -7.84
C SER B 75 9.92 0.49 -7.39
N ILE B 76 8.98 0.34 -8.33
CA ILE B 76 7.62 -0.11 -8.00
C ILE B 76 7.32 -1.50 -8.53
N ASN B 77 8.30 -2.13 -9.20
CA ASN B 77 8.11 -3.42 -9.87
C ASN B 77 6.90 -3.40 -10.82
N ALA B 78 6.83 -2.36 -11.65
CA ALA B 78 5.82 -2.32 -12.70
C ALA B 78 6.19 -3.29 -13.82
N LEU B 79 5.20 -3.67 -14.61
CA LEU B 79 5.43 -4.62 -15.71
C LEU B 79 6.06 -3.93 -16.91
N ASN B 80 5.49 -2.80 -17.32
CA ASN B 80 6.00 -1.97 -18.41
C ASN B 80 5.94 -0.52 -17.99
N VAL B 81 6.95 0.25 -18.36
CA VAL B 81 6.92 1.70 -18.25
C VAL B 81 7.44 2.26 -19.56
N TYR B 82 6.73 3.23 -20.13
CA TYR B 82 7.06 3.62 -21.50
C TYR B 82 6.60 5.04 -21.82
N LEU B 83 7.20 5.56 -22.89
CA LEU B 83 6.91 6.89 -23.42
C LEU B 83 6.51 6.71 -24.89
N GLY B 84 5.22 6.87 -25.16
CA GLY B 84 4.75 6.81 -26.52
C GLY B 84 5.01 8.13 -27.22
N LEU B 85 5.76 8.11 -28.30
CA LEU B 85 6.14 9.34 -28.98
C LEU B 85 5.08 9.76 -29.98
N ASN B 86 5.12 11.06 -30.33
CA ASN B 86 4.15 11.60 -31.28
C ASN B 86 4.18 10.90 -32.63
N ASN B 87 5.35 10.42 -33.06
CA ASN B 87 5.47 9.73 -34.33
C ASN B 87 5.00 8.28 -34.26
N GLY B 88 4.53 7.82 -33.11
CA GLY B 88 4.02 6.47 -32.97
C GLY B 88 5.02 5.44 -32.50
N LYS B 89 6.31 5.77 -32.45
CA LYS B 89 7.26 4.88 -31.81
C LYS B 89 7.11 4.98 -30.29
N VAL B 90 7.58 3.95 -29.58
N VAL B 90 7.60 3.94 -29.61
CA VAL B 90 7.45 3.93 -28.13
CA VAL B 90 7.50 3.83 -28.15
C VAL B 90 8.74 3.45 -27.50
C VAL B 90 8.87 3.50 -27.59
N LEU B 91 9.30 4.26 -26.61
CA LEU B 91 10.46 3.89 -25.81
C LEU B 91 9.97 3.07 -24.64
N LEU B 92 10.36 1.81 -24.59
CA LEU B 92 9.71 0.82 -23.73
C LEU B 92 10.70 0.22 -22.74
N SER B 93 10.40 0.31 -21.45
CA SER B 93 11.13 -0.41 -20.41
C SER B 93 10.22 -1.53 -19.92
N GLN B 94 10.64 -2.78 -20.14
CA GLN B 94 9.79 -3.93 -19.83
C GLN B 94 10.54 -4.92 -18.96
N LYS B 95 9.78 -5.56 -18.07
CA LYS B 95 10.31 -6.56 -17.16
C LYS B 95 11.05 -7.64 -17.93
N SER B 96 12.15 -8.13 -17.34
CA SER B 96 12.97 -9.24 -17.85
C SER B 96 13.72 -8.94 -19.16
N LYS B 100 18.84 -5.32 -20.39
CA LYS B 100 19.18 -4.30 -21.38
C LYS B 100 18.49 -2.97 -21.06
N MET B 101 18.87 -1.92 -21.79
CA MET B 101 18.26 -0.61 -21.63
C MET B 101 17.00 -0.51 -22.48
N PRO B 102 16.09 0.41 -22.15
CA PRO B 102 14.85 0.53 -22.94
C PRO B 102 15.14 0.87 -24.40
N GLU B 103 14.37 0.24 -25.28
CA GLU B 103 14.54 0.37 -26.72
C GLU B 103 13.30 1.01 -27.33
N LEU B 104 13.49 1.65 -28.49
CA LEU B 104 12.38 2.17 -29.28
C LEU B 104 11.74 1.06 -30.10
N ARG B 105 10.44 0.91 -29.97
CA ARG B 105 9.67 -0.01 -30.79
C ARG B 105 8.82 0.79 -31.76
N ASP B 106 8.77 0.38 -33.03
CA ASP B 106 7.96 1.09 -34.02
C ASP B 106 6.75 0.30 -34.47
N ASP B 107 6.40 -0.79 -33.80
CA ASP B 107 5.42 -1.74 -34.29
C ASP B 107 4.15 -1.80 -33.46
N LEU B 108 3.98 -0.92 -32.47
CA LEU B 108 2.99 -1.16 -31.44
C LEU B 108 1.67 -0.41 -31.65
N ASP B 109 1.58 0.43 -32.69
CA ASP B 109 0.29 1.00 -33.11
C ASP B 109 -0.39 1.76 -31.97
N ILE B 110 0.40 2.59 -31.28
CA ILE B 110 -0.07 3.16 -30.02
C ILE B 110 -1.05 4.30 -30.21
N LYS B 111 -1.00 5.02 -31.34
CA LYS B 111 -1.73 6.28 -31.43
C LYS B 111 -3.24 6.09 -31.42
N THR B 112 -3.74 4.88 -31.63
CA THR B 112 -5.16 4.59 -31.49
C THR B 112 -5.50 3.90 -30.17
N LYS B 113 -4.53 3.72 -29.28
CA LYS B 113 -4.82 3.10 -27.99
C LYS B 113 -5.56 4.07 -27.08
N ASP B 114 -6.50 3.55 -26.28
CA ASP B 114 -7.19 4.39 -25.33
C ASP B 114 -6.22 5.05 -24.36
N TRP B 115 -5.23 4.30 -23.83
CA TRP B 115 -4.29 4.92 -22.91
C TRP B 115 -3.58 6.09 -23.56
N TYR B 116 -3.43 6.07 -24.88
CA TYR B 116 -2.80 7.19 -25.56
C TYR B 116 -3.79 8.31 -25.83
N GLN B 117 -4.91 7.97 -26.49
CA GLN B 117 -5.88 9.00 -26.84
C GLN B 117 -6.40 9.71 -25.59
N GLU B 118 -6.76 8.95 -24.55
CA GLU B 118 -7.43 9.55 -23.40
C GLU B 118 -6.50 10.46 -22.60
N ALA B 119 -5.20 10.15 -22.57
CA ALA B 119 -4.27 11.05 -21.90
C ALA B 119 -4.20 12.39 -22.61
N LEU B 120 -4.33 12.40 -23.94
CA LEU B 120 -4.37 13.66 -24.67
C LEU B 120 -5.59 14.50 -24.31
N LYS B 121 -6.71 13.86 -23.92
CA LYS B 121 -7.98 14.54 -23.64
C LYS B 121 -8.12 15.04 -22.22
N THR B 122 -7.09 14.92 -21.38
CA THR B 122 -7.21 15.37 -20.00
C THR B 122 -5.85 15.82 -19.50
N ASN B 123 -5.86 16.72 -18.51
CA ASN B 123 -4.65 17.07 -17.79
C ASN B 123 -4.42 16.13 -16.62
N ASP B 124 -5.29 15.15 -16.42
CA ASP B 124 -5.22 14.21 -15.32
C ASP B 124 -4.46 12.94 -15.73
N ILE B 125 -4.25 12.07 -14.76
CA ILE B 125 -3.85 10.71 -15.05
C ILE B 125 -5.07 9.95 -15.53
N PHE B 126 -4.96 9.32 -16.69
CA PHE B 126 -6.00 8.42 -17.15
C PHE B 126 -5.72 7.03 -16.63
N VAL B 127 -6.75 6.38 -16.09
CA VAL B 127 -6.65 5.00 -15.62
C VAL B 127 -7.51 4.15 -16.55
N THR B 128 -6.89 3.15 -17.18
CA THR B 128 -7.68 2.23 -18.01
C THR B 128 -8.32 1.16 -17.14
N PRO B 129 -9.38 0.53 -17.63
CA PRO B 129 -9.77 -0.77 -17.09
C PRO B 129 -8.74 -1.82 -17.47
N ALA B 130 -8.77 -2.95 -16.75
CA ALA B 130 -7.84 -4.03 -17.02
C ALA B 130 -8.01 -4.55 -18.45
N TYR B 131 -6.90 -4.87 -19.10
CA TYR B 131 -6.89 -5.34 -20.48
C TYR B 131 -5.60 -6.11 -20.71
N LEU B 132 -5.57 -6.90 -21.78
CA LEU B 132 -4.42 -7.74 -22.08
C LEU B 132 -3.30 -6.87 -22.63
N ASP B 133 -2.20 -6.75 -21.90
CA ASP B 133 -1.05 -6.00 -22.40
C ASP B 133 -0.51 -6.64 -23.68
N THR B 134 -0.33 -5.84 -24.73
CA THR B 134 0.20 -6.40 -25.97
C THR B 134 1.69 -6.78 -25.88
N VAL B 135 2.45 -6.18 -24.97
CA VAL B 135 3.88 -6.47 -24.93
C VAL B 135 4.14 -7.82 -24.27
N LEU B 136 3.64 -8.02 -23.04
CA LEU B 136 3.95 -9.23 -22.30
C LEU B 136 2.73 -10.11 -22.06
N LYS B 137 1.59 -9.77 -22.64
CA LYS B 137 0.39 -10.63 -22.65
C LYS B 137 -0.03 -11.04 -21.23
N GLN B 138 -0.03 -10.06 -20.32
CA GLN B 138 -0.68 -10.17 -19.02
C GLN B 138 -1.76 -9.10 -18.91
N TYR B 139 -2.74 -9.34 -18.03
CA TYR B 139 -3.75 -8.33 -17.79
C TYR B 139 -3.15 -7.21 -16.94
N VAL B 140 -3.26 -5.97 -17.42
CA VAL B 140 -2.70 -4.82 -16.72
C VAL B 140 -3.77 -3.77 -16.54
N ILE B 141 -3.53 -2.89 -15.57
CA ILE B 141 -4.16 -1.58 -15.50
C ILE B 141 -3.10 -0.54 -15.84
N THR B 142 -3.44 0.36 -16.75
CA THR B 142 -2.50 1.32 -17.29
C THR B 142 -2.81 2.71 -16.75
N TYR B 143 -1.79 3.39 -16.22
CA TYR B 143 -1.86 4.79 -15.82
C TYR B 143 -1.10 5.60 -16.86
N SER B 144 -1.77 6.53 -17.50
CA SER B 144 -1.15 7.31 -18.57
C SER B 144 -1.29 8.80 -18.31
N LYS B 145 -0.36 9.56 -18.88
CA LYS B 145 -0.23 10.98 -18.66
C LYS B 145 0.54 11.62 -19.81
N ALA B 146 -0.03 12.67 -20.40
CA ALA B 146 0.65 13.39 -21.46
C ALA B 146 1.81 14.20 -20.90
N ILE B 147 2.94 14.16 -21.60
CA ILE B 147 4.16 14.83 -21.20
C ILE B 147 4.29 16.11 -22.01
N TYR B 148 4.27 17.25 -21.33
CA TYR B 148 4.52 18.53 -21.95
C TYR B 148 5.84 19.11 -21.44
N LYS B 149 6.57 19.75 -22.34
CA LYS B 149 7.81 20.44 -22.01
C LYS B 149 7.69 21.84 -22.57
N ASP B 150 7.68 22.84 -21.69
CA ASP B 150 7.45 24.22 -22.11
C ASP B 150 6.18 24.30 -22.96
N GLY B 151 5.13 23.63 -22.50
CA GLY B 151 3.82 23.63 -23.13
C GLY B 151 3.72 22.87 -24.45
N LYS B 152 4.75 22.15 -24.85
CA LYS B 152 4.75 21.37 -26.09
C LYS B 152 4.70 19.88 -25.76
N ILE B 153 3.83 19.14 -26.44
CA ILE B 153 3.64 17.73 -26.11
C ILE B 153 4.85 16.93 -26.60
N ILE B 154 5.35 16.05 -25.75
CA ILE B 154 6.51 15.22 -26.05
C ILE B 154 6.02 13.82 -26.40
N GLY B 155 4.93 13.42 -25.77
CA GLY B 155 4.39 12.09 -25.93
C GLY B 155 3.50 11.78 -24.73
N VAL B 156 3.11 10.50 -24.65
CA VAL B 156 2.23 10.03 -23.56
C VAL B 156 2.97 8.96 -22.77
N LEU B 157 3.07 9.17 -21.47
CA LEU B 157 3.73 8.23 -20.58
C LEU B 157 2.72 7.17 -20.15
N GLY B 158 3.16 5.92 -20.12
CA GLY B 158 2.33 4.82 -19.67
C GLY B 158 3.02 3.97 -18.63
N VAL B 159 2.25 3.58 -17.62
CA VAL B 159 2.72 2.70 -16.55
C VAL B 159 1.77 1.53 -16.45
N ASP B 160 2.25 0.31 -16.71
CA ASP B 160 1.41 -0.89 -16.63
C ASP B 160 1.63 -1.58 -15.30
N ILE B 161 0.57 -1.72 -14.53
CA ILE B 161 0.58 -2.47 -13.27
C ILE B 161 -0.28 -3.71 -13.49
N PRO B 162 0.24 -4.92 -13.26
CA PRO B 162 -0.57 -6.13 -13.41
C PRO B 162 -1.85 -6.06 -12.59
N SER B 163 -3.00 -6.25 -13.24
CA SER B 163 -4.24 -6.25 -12.47
C SER B 163 -4.25 -7.33 -11.42
N GLU B 164 -3.42 -8.37 -11.57
CA GLU B 164 -3.28 -9.39 -10.52
C GLU B 164 -2.74 -8.81 -9.22
N ASP B 165 -1.91 -7.75 -9.28
CA ASP B 165 -1.50 -7.08 -8.05
C ASP B 165 -2.71 -6.59 -7.26
N LEU B 166 -3.69 -6.01 -7.95
CA LEU B 166 -4.89 -5.55 -7.24
C LEU B 166 -5.70 -6.73 -6.75
N GLN B 167 -5.78 -7.79 -7.57
CA GLN B 167 -6.49 -9.00 -7.15
C GLN B 167 -5.88 -9.59 -5.89
N ASN B 168 -4.55 -9.61 -5.79
CA ASN B 168 -3.90 -10.12 -4.59
C ASN B 168 -4.20 -9.24 -3.39
N LEU B 169 -4.09 -7.92 -3.56
CA LEU B 169 -4.38 -7.01 -2.44
C LEU B 169 -5.79 -7.25 -1.91
N VAL B 170 -6.79 -7.29 -2.80
CA VAL B 170 -8.16 -7.51 -2.35
C VAL B 170 -8.29 -8.87 -1.67
N ALA B 171 -7.66 -9.90 -2.23
CA ALA B 171 -7.83 -11.25 -1.70
C ALA B 171 -7.25 -11.41 -0.30
N LYS B 172 -6.27 -10.58 0.06
CA LYS B 172 -5.71 -10.66 1.41
C LYS B 172 -6.49 -9.88 2.44
N THR B 173 -7.50 -9.11 2.03
CA THR B 173 -8.29 -8.37 3.01
C THR B 173 -9.15 -9.33 3.83
N PRO B 174 -9.43 -8.99 5.08
CA PRO B 174 -10.35 -9.81 5.87
C PRO B 174 -11.75 -9.74 5.26
N GLY B 175 -12.59 -10.70 5.62
CA GLY B 175 -13.98 -10.69 5.22
C GLY B 175 -14.21 -11.23 3.82
N ASN B 176 -15.44 -11.66 3.57
CA ASN B 176 -15.79 -12.27 2.29
C ASN B 176 -16.09 -11.15 1.27
N THR B 177 -15.04 -10.41 0.94
CA THR B 177 -15.17 -9.26 0.07
C THR B 177 -14.77 -9.62 -1.35
N PHE B 178 -15.31 -8.88 -2.32
CA PHE B 178 -14.98 -9.09 -3.73
C PHE B 178 -15.28 -7.82 -4.50
N LEU B 179 -14.79 -7.79 -5.75
CA LEU B 179 -14.85 -6.64 -6.63
C LEU B 179 -15.37 -7.05 -8.00
N PHE B 180 -16.30 -6.26 -8.54
CA PHE B 180 -16.72 -6.35 -9.92
C PHE B 180 -16.06 -5.22 -10.71
N ASP B 181 -15.75 -5.48 -11.98
CA ASP B 181 -15.19 -4.45 -12.83
C ASP B 181 -16.31 -3.56 -13.36
N GLN B 182 -15.98 -2.61 -14.24
CA GLN B 182 -16.97 -1.66 -14.74
C GLN B 182 -18.01 -2.33 -15.63
N LYS B 183 -17.77 -3.54 -16.11
CA LYS B 183 -18.77 -4.30 -16.84
C LYS B 183 -19.54 -5.26 -15.94
N ASN B 184 -19.48 -5.06 -14.62
CA ASN B 184 -20.14 -5.94 -13.66
C ASN B 184 -19.66 -7.39 -13.79
N LYS B 185 -18.43 -7.60 -14.24
CA LYS B 185 -17.83 -8.92 -14.24
C LYS B 185 -16.95 -9.08 -13.00
N ILE B 186 -17.04 -10.26 -12.38
CA ILE B 186 -16.26 -10.51 -11.17
C ILE B 186 -14.77 -10.31 -11.49
N PHE B 187 -14.05 -9.70 -10.56
CA PHE B 187 -12.69 -9.27 -10.88
C PHE B 187 -11.66 -9.67 -9.83
N ALA B 188 -11.99 -9.53 -8.55
CA ALA B 188 -11.11 -9.94 -7.45
C ALA B 188 -11.98 -10.47 -6.32
N ALA B 189 -11.45 -11.43 -5.57
CA ALA B 189 -12.25 -11.96 -4.46
C ALA B 189 -11.34 -12.63 -3.44
N THR B 190 -11.68 -12.48 -2.16
CA THR B 190 -11.01 -13.23 -1.09
C THR B 190 -11.26 -14.73 -1.24
N ASN B 191 -12.51 -15.11 -1.50
CA ASN B 191 -12.85 -16.48 -1.85
C ASN B 191 -12.62 -16.62 -3.35
N LYS B 192 -11.50 -17.23 -3.73
CA LYS B 192 -11.17 -17.32 -5.15
C LYS B 192 -12.16 -18.17 -5.93
N GLU B 193 -12.97 -18.98 -5.26
CA GLU B 193 -14.05 -19.68 -5.97
C GLU B 193 -14.98 -18.70 -6.66
N LEU B 194 -15.20 -17.52 -6.06
CA LEU B 194 -16.13 -16.56 -6.65
C LEU B 194 -15.64 -16.04 -8.00
N LEU B 195 -14.36 -16.23 -8.32
CA LEU B 195 -13.84 -15.85 -9.62
C LEU B 195 -14.26 -16.80 -10.73
N ASN B 196 -14.62 -18.03 -10.42
CA ASN B 196 -14.96 -18.98 -11.46
C ASN B 196 -16.16 -18.48 -12.25
N PRO B 197 -16.13 -18.54 -13.59
CA PRO B 197 -17.23 -18.00 -14.39
C PRO B 197 -18.55 -18.70 -14.18
N SER B 198 -18.57 -19.85 -13.52
CA SER B 198 -19.84 -20.53 -13.29
C SER B 198 -20.65 -19.90 -12.17
N ILE B 199 -20.03 -19.10 -11.31
CA ILE B 199 -20.75 -18.46 -10.23
C ILE B 199 -21.72 -17.44 -10.81
N ASP B 200 -22.97 -17.52 -10.40
CA ASP B 200 -24.00 -16.57 -10.83
C ASP B 200 -23.97 -15.38 -9.90
N HIS B 201 -23.57 -14.22 -10.40
CA HIS B 201 -23.49 -13.02 -9.60
C HIS B 201 -24.68 -12.09 -9.76
N SER B 202 -25.62 -12.42 -10.66
N SER B 202 -25.63 -12.43 -10.65
CA SER B 202 -26.81 -11.58 -10.82
CA SER B 202 -26.79 -11.57 -10.82
C SER B 202 -27.58 -11.37 -9.53
C SER B 202 -27.61 -11.38 -9.53
N PRO B 203 -27.77 -12.37 -8.65
CA PRO B 203 -28.52 -12.09 -7.41
C PRO B 203 -27.90 -10.98 -6.57
N VAL B 204 -26.60 -11.05 -6.27
CA VAL B 204 -26.03 -10.01 -5.42
C VAL B 204 -26.07 -8.67 -6.16
N LEU B 205 -25.84 -8.69 -7.48
CA LEU B 205 -25.86 -7.44 -8.24
C LEU B 205 -27.28 -6.86 -8.30
N ASN B 206 -28.28 -7.70 -8.53
CA ASN B 206 -29.66 -7.22 -8.58
C ASN B 206 -30.08 -6.63 -7.25
N ALA B 207 -29.74 -7.29 -6.14
CA ALA B 207 -30.07 -6.76 -4.84
C ALA B 207 -29.36 -5.45 -4.58
N TYR B 208 -28.12 -5.32 -5.06
CA TYR B 208 -27.38 -4.09 -4.85
C TYR B 208 -28.05 -2.93 -5.57
N LYS B 209 -28.50 -3.14 -6.81
CA LYS B 209 -29.13 -2.06 -7.54
C LYS B 209 -30.40 -1.58 -6.84
N LEU B 210 -31.07 -2.46 -6.11
CA LEU B 210 -32.27 -2.05 -5.39
C LEU B 210 -31.95 -1.28 -4.13
N ASN B 211 -30.79 -1.56 -3.51
CA ASN B 211 -30.53 -1.06 -2.18
C ASN B 211 -29.52 0.07 -2.10
N GLY B 212 -28.63 0.20 -3.08
CA GLY B 212 -27.68 1.30 -3.09
C GLY B 212 -26.47 1.05 -2.21
N ASP B 213 -25.51 2.00 -2.29
CA ASP B 213 -24.22 1.85 -1.64
C ASP B 213 -24.37 1.67 -0.13
N ASN B 214 -23.70 0.65 0.40
CA ASN B 214 -23.49 0.43 1.83
C ASN B 214 -24.76 0.05 2.60
N ASN B 215 -25.87 -0.21 1.92
CA ASN B 215 -27.10 -0.60 2.57
C ASN B 215 -27.26 -2.12 2.46
N PHE B 216 -27.48 -2.77 3.59
CA PHE B 216 -27.51 -4.23 3.58
C PHE B 216 -28.82 -4.75 3.01
N PHE B 217 -28.70 -5.90 2.34
CA PHE B 217 -29.83 -6.52 1.67
C PHE B 217 -29.75 -8.03 1.87
N SER B 218 -30.91 -8.67 1.73
CA SER B 218 -31.01 -10.12 1.64
C SER B 218 -31.08 -10.51 0.17
N TYR B 219 -30.51 -11.66 -0.15
CA TYR B 219 -30.61 -12.20 -1.49
C TYR B 219 -30.44 -13.71 -1.39
N LYS B 220 -30.66 -14.40 -2.51
CA LYS B 220 -30.61 -15.86 -2.52
C LYS B 220 -29.78 -16.34 -3.70
N LEU B 221 -28.99 -17.38 -3.45
CA LEU B 221 -28.19 -18.03 -4.48
C LEU B 221 -28.24 -19.53 -4.24
N ASN B 222 -28.68 -20.28 -5.26
CA ASN B 222 -28.76 -21.74 -5.18
C ASN B 222 -29.54 -22.17 -3.93
N ASN B 223 -30.65 -21.48 -3.67
CA ASN B 223 -31.55 -21.73 -2.55
C ASN B 223 -30.92 -21.45 -1.19
N GLU B 224 -29.85 -20.65 -1.12
CA GLU B 224 -29.27 -20.24 0.15
C GLU B 224 -29.53 -18.76 0.39
N GLU B 225 -30.11 -18.45 1.54
CA GLU B 225 -30.33 -17.06 1.95
C GLU B 225 -29.02 -16.45 2.43
N ARG B 226 -28.69 -15.28 1.88
CA ARG B 226 -27.45 -14.61 2.22
C ARG B 226 -27.73 -13.14 2.48
N LEU B 227 -26.78 -12.50 3.16
CA LEU B 227 -26.83 -11.07 3.45
C LEU B 227 -25.63 -10.40 2.80
N GLY B 228 -25.87 -9.26 2.15
CA GLY B 228 -24.76 -8.56 1.52
C GLY B 228 -24.89 -7.05 1.58
N ALA B 229 -23.77 -6.40 1.26
CA ALA B 229 -23.76 -4.96 1.00
C ALA B 229 -22.69 -4.69 -0.05
N CYS B 230 -22.95 -3.71 -0.92
CA CYS B 230 -21.98 -3.30 -1.93
C CYS B 230 -21.87 -1.80 -1.94
N THR B 231 -20.79 -1.32 -2.54
CA THR B 231 -20.55 0.10 -2.74
C THR B 231 -19.70 0.29 -4.00
N LYS B 232 -19.92 1.41 -4.67
CA LYS B 232 -19.11 1.77 -5.82
C LYS B 232 -17.76 2.26 -5.33
N VAL B 233 -16.70 1.84 -6.02
CA VAL B 233 -15.35 2.36 -5.79
C VAL B 233 -14.78 2.65 -7.17
N PHE B 234 -14.65 3.94 -7.50
CA PHE B 234 -14.40 4.35 -8.90
C PHE B 234 -15.44 3.65 -9.76
N ALA B 235 -15.05 2.94 -10.82
CA ALA B 235 -16.00 2.20 -11.64
C ALA B 235 -16.17 0.77 -11.20
N TYR B 236 -15.48 0.36 -10.13
CA TYR B 236 -15.68 -0.98 -9.61
C TYR B 236 -16.89 -0.99 -8.69
N THR B 237 -17.39 -2.18 -8.43
CA THR B 237 -18.35 -2.41 -7.37
C THR B 237 -17.72 -3.39 -6.39
N ALA B 238 -17.59 -2.96 -5.14
CA ALA B 238 -17.07 -3.81 -4.07
C ALA B 238 -18.24 -4.33 -3.25
N CYS B 239 -18.20 -5.62 -2.90
CA CYS B 239 -19.26 -6.22 -2.10
C CYS B 239 -18.68 -7.03 -0.95
N ILE B 240 -19.47 -7.17 0.10
CA ILE B 240 -19.23 -8.18 1.11
C ILE B 240 -20.54 -8.93 1.31
N THR B 241 -20.47 -10.26 1.38
CA THR B 241 -21.66 -11.05 1.65
C THR B 241 -21.37 -12.12 2.67
N GLU B 242 -22.43 -12.59 3.31
N GLU B 242 -22.44 -12.61 3.29
CA GLU B 242 -22.37 -13.68 4.29
CA GLU B 242 -22.41 -13.63 4.33
C GLU B 242 -23.68 -14.45 4.22
C GLU B 242 -23.69 -14.46 4.21
N SER B 243 -23.62 -15.73 4.61
CA SER B 243 -24.82 -16.54 4.61
C SER B 243 -25.73 -16.16 5.79
N ALA B 244 -27.04 -16.19 5.55
CA ALA B 244 -27.97 -15.81 6.62
C ALA B 244 -27.75 -16.65 7.86
N ASP B 245 -27.40 -17.93 7.68
CA ASP B 245 -27.15 -18.84 8.79
C ASP B 245 -25.87 -18.53 9.55
N ILE B 246 -25.01 -17.65 9.04
N ILE B 246 -25.00 -17.67 9.03
CA ILE B 246 -23.86 -17.17 9.79
CA ILE B 246 -23.85 -17.16 9.77
C ILE B 246 -24.13 -15.80 10.39
C ILE B 246 -24.17 -15.81 10.40
N ILE B 247 -24.88 -14.94 9.67
CA ILE B 247 -25.41 -13.72 10.28
C ILE B 247 -26.21 -14.08 11.52
N ASN B 248 -27.16 -15.02 11.36
CA ASN B 248 -28.14 -15.40 12.36
C ASN B 248 -28.01 -16.91 12.50
N LYS B 249 -27.10 -17.34 13.38
CA LYS B 249 -26.81 -18.76 13.57
C LYS B 249 -28.03 -19.49 14.10
N PRO B 250 -28.59 -20.44 13.35
CA PRO B 250 -29.80 -21.13 13.82
C PRO B 250 -29.46 -22.14 14.91
N ILE B 251 -30.32 -22.18 15.92
CA ILE B 251 -30.19 -23.18 16.97
C ILE B 251 -30.27 -24.59 16.39
N TYR B 252 -31.01 -24.77 15.30
CA TYR B 252 -31.13 -26.05 14.63
C TYR B 252 -30.77 -25.89 13.16
N LYS B 253 -29.78 -26.65 12.70
CA LYS B 253 -29.34 -26.57 11.31
C LYS B 253 -30.21 -27.50 10.46
N ALA B 254 -30.53 -27.03 9.25
CA ALA B 254 -31.40 -27.78 8.33
C ALA B 254 -30.80 -29.13 7.96
N NVA C . 18.55 10.64 8.32
CA NVA C . 19.99 10.34 8.26
CB NVA C . 20.70 11.06 7.11
CG NVA C . 22.11 10.60 6.74
CD NVA C . 22.49 11.32 5.48
C NVA C . 20.61 10.82 9.56
O NVA C . 20.12 11.62 10.36
OXT NVA C . 21.84 10.29 9.82
S SO4 D . 13.03 17.96 -5.30
O1 SO4 D . 13.57 19.20 -4.74
O2 SO4 D . 12.60 17.10 -4.20
O3 SO4 D . 11.92 18.22 -6.21
O4 SO4 D . 14.10 17.29 -6.06
C1 GOL E . -5.62 2.88 25.75
O1 GOL E . -4.72 3.02 26.83
C2 GOL E . -7.04 3.24 26.19
O2 GOL E . -8.00 2.95 25.19
C3 GOL E . -7.35 2.49 27.47
O3 GOL E . -8.75 2.37 27.60
N NVA F . 0.08 -2.11 -22.24
CA NVA F . 0.44 -1.30 -23.38
CB NVA F . 1.88 -1.47 -23.91
CG NVA F . 2.25 -0.39 -24.90
CD NVA F . 3.74 -0.32 -25.14
C NVA F . -0.48 -1.66 -24.55
O NVA F . -0.88 -0.94 -25.46
OXT NVA F . -0.86 -2.96 -24.54
C1 GOL G . -22.05 -14.62 -5.42
O1 GOL G . -22.14 -13.41 -6.13
C2 GOL G . -22.35 -14.31 -3.96
O2 GOL G . -23.24 -15.29 -3.45
C3 GOL G . -21.03 -14.37 -3.22
O3 GOL G . -21.24 -14.22 -1.84
S SO4 H . 14.88 -6.35 -15.38
O1 SO4 H . 15.41 -5.01 -15.64
O2 SO4 H . 15.49 -6.92 -14.19
O3 SO4 H . 15.16 -7.20 -16.54
O4 SO4 H . 13.43 -6.28 -15.16
#